data_3T5X
#
_entry.id   3T5X
#
_cell.length_a   70.522
_cell.length_b   70.522
_cell.length_c   95.417
_cell.angle_alpha   90.00
_cell.angle_beta   90.00
_cell.angle_gamma   120.00
#
_symmetry.space_group_name_H-M   'P 31 2 1'
#
loop_
_entity.id
_entity.type
_entity.pdbx_description
1 polymer 'PCI domain-containing protein 2'
2 polymer '26S proteasome complex subunit DSS1'
3 water water
#
loop_
_entity_poly.entity_id
_entity_poly.type
_entity_poly.pdbx_seq_one_letter_code
_entity_poly.pdbx_strand_id
1 'polypeptide(L)'
;GSHMKDDYSTAQRVTYKYYVGRKAMFDSDFKQAEEYLSFAFEHCHRSSQKNKRMILIYLLPVKMLLGHMPTVELLKKYHL
MQFAEVTRAVSEGNLLLLHEALAKHEAFFIRCGIFLILEKLKIITYRNLFKKVYLLLKTHQLSLDAFLVALKFMQVEDVD
IDEVQCILANLIYMGHVKGYISHQHQKLVVSKQNPFPPLSTVC
;
A
2 'polypeptide(L)' MSEKKQPVDLGLLEEDDEFEEFPAEDWAGLDEDEDAHVWEDNWDDDNVEDDFSNQLRAELEKHGYKMETS B
#
# COMPACT_ATOMS: atom_id res chain seq x y z
N SER A 9 -17.39 17.56 -26.72
CA SER A 9 -16.68 16.39 -27.25
C SER A 9 -16.50 15.34 -26.16
N THR A 10 -16.26 14.10 -26.57
CA THR A 10 -15.91 13.04 -25.63
C THR A 10 -14.43 13.14 -25.29
N ALA A 11 -13.67 13.72 -26.21
CA ALA A 11 -12.24 13.94 -25.99
C ALA A 11 -12.02 15.04 -24.96
N GLN A 12 -12.95 15.98 -24.89
CA GLN A 12 -12.80 17.12 -23.98
C GLN A 12 -13.31 16.80 -22.58
N ARG A 13 -14.34 15.95 -22.48
CA ARG A 13 -14.80 15.46 -21.19
C ARG A 13 -13.74 14.56 -20.58
N VAL A 14 -13.06 13.80 -21.43
CA VAL A 14 -11.99 12.91 -20.98
C VAL A 14 -10.81 13.72 -20.45
N THR A 15 -10.48 14.81 -21.16
CA THR A 15 -9.38 15.67 -20.76
C THR A 15 -9.71 16.38 -19.46
N TYR A 16 -10.95 16.84 -19.34
CA TYR A 16 -11.42 17.50 -18.12
C TYR A 16 -11.29 16.58 -16.91
N LYS A 17 -11.80 15.34 -17.03
CA LYS A 17 -11.77 14.37 -15.95
C LYS A 17 -10.34 14.02 -15.55
N TYR A 18 -9.46 13.96 -16.55
CA TYR A 18 -8.04 13.69 -16.33
C TYR A 18 -7.44 14.72 -15.37
N TYR A 19 -7.74 15.99 -15.61
CA TYR A 19 -7.12 17.07 -14.83
C TYR A 19 -7.74 17.28 -13.45
N VAL A 20 -9.06 17.15 -13.33
CA VAL A 20 -9.66 17.24 -12.00
C VAL A 20 -9.35 15.98 -11.20
N GLY A 21 -9.15 14.86 -11.89
CA GLY A 21 -8.67 13.65 -11.25
C GLY A 21 -7.29 13.86 -10.63
N ARG A 22 -6.42 14.55 -11.36
CA ARG A 22 -5.09 14.89 -10.85
C ARG A 22 -5.18 15.89 -9.70
N LYS A 23 -6.03 16.89 -9.83
CA LYS A 23 -6.27 17.84 -8.75
C LYS A 23 -6.65 17.11 -7.47
N ALA A 24 -7.68 16.26 -7.57
CA ALA A 24 -8.17 15.50 -6.43
C ALA A 24 -7.06 14.64 -5.81
N MET A 25 -6.28 13.99 -6.68
CA MET A 25 -5.19 13.13 -6.24
C MET A 25 -4.19 13.92 -5.43
N PHE A 26 -3.84 15.11 -5.91
CA PHE A 26 -2.86 15.95 -5.24
C PHE A 26 -3.42 16.59 -3.97
N ASP A 27 -4.75 16.57 -3.83
CA ASP A 27 -5.39 17.08 -2.63
C ASP A 27 -5.71 15.91 -1.69
N SER A 28 -5.25 14.72 -2.06
CA SER A 28 -5.41 13.53 -1.24
C SER A 28 -6.88 13.11 -1.09
N ASP A 29 -7.69 13.40 -2.11
CA ASP A 29 -9.06 12.89 -2.18
C ASP A 29 -9.07 11.73 -3.16
N PHE A 30 -8.66 10.55 -2.70
CA PHE A 30 -8.33 9.45 -3.60
C PHE A 30 -9.57 8.77 -4.16
N LYS A 31 -10.66 8.74 -3.40
CA LYS A 31 -11.92 8.22 -3.92
C LYS A 31 -12.39 9.04 -5.11
N GLN A 32 -12.29 10.37 -4.99
CA GLN A 32 -12.73 11.25 -6.06
C GLN A 32 -11.78 11.19 -7.25
N ALA A 33 -10.48 11.09 -6.96
CA ALA A 33 -9.49 10.94 -8.01
C ALA A 33 -9.77 9.65 -8.78
N GLU A 34 -10.14 8.59 -8.06
CA GLU A 34 -10.45 7.31 -8.68
C GLU A 34 -11.66 7.43 -9.62
N GLU A 35 -12.71 8.12 -9.19
CA GLU A 35 -13.90 8.32 -10.01
C GLU A 35 -13.55 9.01 -11.32
N TYR A 36 -12.87 10.15 -11.22
CA TYR A 36 -12.53 10.95 -12.39
C TYR A 36 -11.59 10.21 -13.34
N LEU A 37 -10.51 9.66 -12.80
CA LEU A 37 -9.48 9.04 -13.62
C LEU A 37 -9.97 7.73 -14.24
N SER A 38 -10.76 6.97 -13.50
CA SER A 38 -11.36 5.75 -14.04
C SER A 38 -12.23 6.09 -15.23
N PHE A 39 -13.07 7.11 -15.07
CA PHE A 39 -13.94 7.58 -16.15
C PHE A 39 -13.13 7.95 -17.37
N ALA A 40 -12.07 8.74 -17.18
CA ALA A 40 -11.22 9.16 -18.28
C ALA A 40 -10.60 7.96 -18.97
N PHE A 41 -10.09 7.02 -18.18
CA PHE A 41 -9.48 5.81 -18.71
C PHE A 41 -10.47 5.00 -19.56
N GLU A 42 -11.67 4.81 -19.02
CA GLU A 42 -12.67 3.96 -19.67
C GLU A 42 -13.26 4.56 -20.94
N HIS A 43 -13.40 5.88 -20.96
CA HIS A 43 -14.03 6.54 -22.10
C HIS A 43 -13.00 7.09 -23.09
N CYS A 44 -11.72 6.83 -22.79
CA CYS A 44 -10.65 7.19 -23.71
C CYS A 44 -10.74 6.29 -24.94
N HIS A 45 -10.59 6.89 -26.12
CA HIS A 45 -10.75 6.15 -27.37
C HIS A 45 -9.79 4.96 -27.42
N ARG A 46 -10.33 3.78 -27.70
CA ARG A 46 -9.56 2.54 -27.71
C ARG A 46 -8.29 2.66 -28.55
N SER A 47 -8.31 3.53 -29.55
CA SER A 47 -7.21 3.64 -30.50
C SER A 47 -5.96 4.31 -29.90
N SER A 48 -6.18 5.33 -29.07
CA SER A 48 -5.08 6.09 -28.49
C SER A 48 -4.54 5.44 -27.22
N GLN A 49 -3.52 4.60 -27.39
CA GLN A 49 -2.90 3.92 -26.25
C GLN A 49 -2.04 4.89 -25.45
N LYS A 50 -1.43 5.86 -26.14
CA LYS A 50 -0.59 6.85 -25.47
C LYS A 50 -1.41 7.65 -24.46
N ASN A 51 -2.64 8.01 -24.84
CA ASN A 51 -3.55 8.70 -23.93
C ASN A 51 -3.90 7.81 -22.74
N LYS A 52 -4.37 6.60 -23.02
CA LYS A 52 -4.76 5.66 -21.96
C LYS A 52 -3.62 5.41 -20.98
N ARG A 53 -2.40 5.35 -21.50
CA ARG A 53 -1.23 5.08 -20.68
C ARG A 53 -0.95 6.21 -19.70
N MET A 54 -1.04 7.45 -20.18
CA MET A 54 -0.82 8.62 -19.34
C MET A 54 -1.81 8.68 -18.20
N ILE A 55 -3.06 8.34 -18.48
CA ILE A 55 -4.09 8.33 -17.46
C ILE A 55 -3.81 7.21 -16.46
N LEU A 56 -3.40 6.06 -16.96
CA LEU A 56 -3.12 4.90 -16.12
C LEU A 56 -2.00 5.21 -15.14
N ILE A 57 -1.04 6.02 -15.58
CA ILE A 57 0.08 6.41 -14.73
C ILE A 57 -0.40 7.06 -13.44
N TYR A 58 -1.52 7.78 -13.53
CA TYR A 58 -2.08 8.45 -12.35
C TYR A 58 -3.10 7.57 -11.65
N LEU A 59 -3.87 6.83 -12.43
CA LEU A 59 -4.89 5.97 -11.87
C LEU A 59 -4.29 4.83 -11.07
N LEU A 60 -3.07 4.42 -11.44
CA LEU A 60 -2.42 3.29 -10.78
C LEU A 60 -2.16 3.51 -9.28
N PRO A 61 -1.37 4.55 -8.94
CA PRO A 61 -1.11 4.80 -7.52
C PRO A 61 -2.39 5.09 -6.73
N VAL A 62 -3.36 5.73 -7.37
CA VAL A 62 -4.65 6.00 -6.74
C VAL A 62 -5.37 4.70 -6.43
N LYS A 63 -5.40 3.79 -7.39
CA LYS A 63 -6.00 2.47 -7.17
C LYS A 63 -5.29 1.75 -6.02
N MET A 64 -3.96 1.78 -6.05
CA MET A 64 -3.15 1.08 -5.06
C MET A 64 -3.37 1.62 -3.66
N LEU A 65 -3.52 2.93 -3.53
CA LEU A 65 -3.78 3.54 -2.23
C LEU A 65 -5.14 3.11 -1.69
N LEU A 66 -6.04 2.72 -2.59
CA LEU A 66 -7.36 2.25 -2.19
C LEU A 66 -7.41 0.73 -2.10
N GLY A 67 -6.25 0.08 -2.19
CA GLY A 67 -6.16 -1.36 -2.00
C GLY A 67 -6.42 -2.21 -3.23
N HIS A 68 -6.42 -1.57 -4.40
CA HIS A 68 -6.60 -2.30 -5.65
C HIS A 68 -5.28 -2.37 -6.40
N MET A 69 -4.71 -3.57 -6.46
CA MET A 69 -3.42 -3.77 -7.11
C MET A 69 -3.63 -4.13 -8.57
N PRO A 70 -2.80 -3.55 -9.46
CA PRO A 70 -2.88 -3.90 -10.87
C PRO A 70 -2.29 -5.29 -11.16
N THR A 71 -2.80 -5.96 -12.18
CA THR A 71 -2.22 -7.22 -12.63
C THR A 71 -0.96 -6.93 -13.43
N VAL A 72 -0.04 -7.88 -13.46
CA VAL A 72 1.18 -7.71 -14.24
C VAL A 72 0.82 -7.58 -15.72
N GLU A 73 -0.29 -8.22 -16.10
CA GLU A 73 -0.76 -8.15 -17.49
C GLU A 73 -1.13 -6.73 -17.90
N LEU A 74 -1.89 -6.05 -17.03
CA LEU A 74 -2.23 -4.65 -17.27
C LEU A 74 -0.96 -3.85 -17.49
N LEU A 75 0.01 -4.05 -16.60
CA LEU A 75 1.25 -3.30 -16.64
C LEU A 75 2.06 -3.61 -17.90
N LYS A 76 2.07 -4.87 -18.31
CA LYS A 76 2.71 -5.26 -19.56
C LYS A 76 2.03 -4.56 -20.73
N LYS A 77 0.70 -4.61 -20.73
CA LYS A 77 -0.09 -4.12 -21.86
C LYS A 77 0.13 -2.64 -22.14
N TYR A 78 0.49 -1.86 -21.12
CA TYR A 78 0.69 -0.43 -21.30
C TYR A 78 2.13 -0.02 -21.02
N HIS A 79 3.03 -1.00 -21.02
CA HIS A 79 4.46 -0.73 -20.86
C HIS A 79 4.73 0.08 -19.60
N LEU A 80 4.18 -0.38 -18.48
CA LEU A 80 4.39 0.28 -17.20
C LEU A 80 4.94 -0.71 -16.17
N MET A 81 5.89 -1.54 -16.60
CA MET A 81 6.46 -2.54 -15.72
C MET A 81 7.31 -1.93 -14.61
N GLN A 82 7.53 -0.61 -14.70
CA GLN A 82 8.18 0.12 -13.62
C GLN A 82 7.39 0.02 -12.32
N PHE A 83 6.10 -0.31 -12.45
CA PHE A 83 5.19 -0.39 -11.29
C PHE A 83 5.12 -1.79 -10.68
N ALA A 84 5.79 -2.77 -11.31
CA ALA A 84 5.58 -4.17 -10.96
C ALA A 84 6.18 -4.56 -9.61
N GLU A 85 7.43 -4.18 -9.35
CA GLU A 85 8.05 -4.47 -8.07
C GLU A 85 7.46 -3.61 -6.96
N VAL A 86 7.06 -2.40 -7.31
CA VAL A 86 6.40 -1.51 -6.35
C VAL A 86 5.09 -2.16 -5.89
N THR A 87 4.31 -2.67 -6.83
CA THR A 87 3.05 -3.33 -6.52
C THR A 87 3.28 -4.57 -5.64
N ARG A 88 4.27 -5.37 -6.01
CA ARG A 88 4.61 -6.57 -5.24
C ARG A 88 5.00 -6.20 -3.82
N ALA A 89 5.82 -5.16 -3.69
CA ALA A 89 6.32 -4.73 -2.39
C ALA A 89 5.19 -4.23 -1.49
N VAL A 90 4.34 -3.35 -2.04
CA VAL A 90 3.21 -2.82 -1.29
C VAL A 90 2.28 -3.94 -0.84
N SER A 91 1.98 -4.86 -1.76
CA SER A 91 1.11 -5.99 -1.48
C SER A 91 1.60 -6.86 -0.32
N GLU A 92 2.92 -7.03 -0.23
CA GLU A 92 3.52 -7.92 0.76
C GLU A 92 3.70 -7.23 2.11
N GLY A 93 3.81 -5.91 2.09
CA GLY A 93 4.23 -5.19 3.27
C GLY A 93 5.75 -5.11 3.31
N ASN A 94 6.38 -5.31 2.14
CA ASN A 94 7.83 -5.33 2.02
C ASN A 94 8.41 -3.94 1.83
N LEU A 95 8.60 -3.23 2.94
CA LEU A 95 9.15 -1.88 2.90
C LEU A 95 10.49 -1.82 2.19
N LEU A 96 11.33 -2.81 2.47
CA LEU A 96 12.70 -2.85 1.94
C LEU A 96 12.67 -2.91 0.41
N LEU A 97 11.78 -3.74 -0.13
CA LEU A 97 11.65 -3.86 -1.58
C LEU A 97 11.01 -2.61 -2.18
N LEU A 98 10.08 -2.00 -1.45
CA LEU A 98 9.43 -0.78 -1.93
C LEU A 98 10.47 0.32 -2.12
N HIS A 99 11.32 0.50 -1.11
CA HIS A 99 12.35 1.52 -1.17
C HIS A 99 13.27 1.28 -2.37
N GLU A 100 13.69 0.04 -2.58
CA GLU A 100 14.56 -0.31 -3.70
C GLU A 100 13.87 -0.05 -5.04
N ALA A 101 12.63 -0.53 -5.16
CA ALA A 101 11.90 -0.38 -6.41
C ALA A 101 11.67 1.09 -6.76
N LEU A 102 11.38 1.91 -5.75
CA LEU A 102 11.17 3.33 -5.97
C LEU A 102 12.45 4.02 -6.43
N ALA A 103 13.59 3.62 -5.85
CA ALA A 103 14.88 4.18 -6.21
C ALA A 103 15.26 3.79 -7.63
N LYS A 104 15.10 2.51 -7.94
CA LYS A 104 15.45 1.98 -9.25
C LYS A 104 14.83 2.81 -10.37
N HIS A 105 13.62 3.32 -10.15
CA HIS A 105 12.91 4.05 -11.20
C HIS A 105 12.59 5.49 -10.79
N GLU A 106 13.40 6.04 -9.89
CA GLU A 106 13.15 7.36 -9.32
C GLU A 106 12.85 8.42 -10.39
N ALA A 107 13.69 8.46 -11.44
CA ALA A 107 13.56 9.49 -12.46
C ALA A 107 12.25 9.37 -13.23
N PHE A 108 11.92 8.15 -13.66
CA PHE A 108 10.67 7.91 -14.36
C PHE A 108 9.48 8.39 -13.52
N PHE A 109 9.45 8.00 -12.26
CA PHE A 109 8.35 8.34 -11.37
C PHE A 109 8.25 9.85 -11.18
N ILE A 110 9.39 10.51 -11.02
CA ILE A 110 9.43 11.97 -10.90
C ILE A 110 8.95 12.63 -12.19
N ARG A 111 9.42 12.15 -13.33
CA ARG A 111 9.00 12.71 -14.61
C ARG A 111 7.51 12.50 -14.85
N CYS A 112 6.98 11.41 -14.30
CA CYS A 112 5.54 11.14 -14.39
C CYS A 112 4.75 12.07 -13.49
N GLY A 113 5.42 12.69 -12.53
CA GLY A 113 4.78 13.60 -11.61
C GLY A 113 4.08 12.90 -10.46
N ILE A 114 4.42 11.63 -10.24
CA ILE A 114 3.75 10.84 -9.20
C ILE A 114 4.67 10.37 -8.06
N PHE A 115 5.91 10.84 -8.05
CA PHE A 115 6.87 10.35 -7.06
C PHE A 115 6.40 10.54 -5.62
N LEU A 116 5.93 11.74 -5.29
CA LEU A 116 5.46 12.03 -3.94
C LEU A 116 4.20 11.23 -3.59
N ILE A 117 3.37 10.97 -4.58
CA ILE A 117 2.17 10.17 -4.36
C ILE A 117 2.55 8.73 -4.02
N LEU A 118 3.57 8.23 -4.73
CA LEU A 118 4.06 6.87 -4.52
C LEU A 118 4.63 6.71 -3.12
N GLU A 119 5.20 7.80 -2.59
CA GLU A 119 5.71 7.81 -1.23
C GLU A 119 4.63 7.45 -0.21
N LYS A 120 3.38 7.81 -0.52
CA LYS A 120 2.27 7.53 0.39
C LYS A 120 1.97 6.04 0.47
N LEU A 121 2.57 5.26 -0.43
CA LEU A 121 2.41 3.82 -0.39
C LEU A 121 3.10 3.22 0.83
N LYS A 122 4.06 3.95 1.41
CA LYS A 122 4.74 3.49 2.62
C LYS A 122 3.74 3.29 3.76
N ILE A 123 2.75 4.17 3.83
CA ILE A 123 1.72 4.10 4.86
C ILE A 123 0.96 2.78 4.81
N ILE A 124 0.44 2.41 3.64
CA ILE A 124 -0.29 1.16 3.54
C ILE A 124 0.64 -0.04 3.56
N THR A 125 1.90 0.15 3.17
CA THR A 125 2.89 -0.92 3.26
C THR A 125 3.16 -1.24 4.73
N TYR A 126 3.30 -0.20 5.55
CA TYR A 126 3.36 -0.39 6.99
C TYR A 126 2.11 -1.14 7.47
N ARG A 127 0.94 -0.71 7.01
CA ARG A 127 -0.31 -1.37 7.38
C ARG A 127 -0.26 -2.86 7.02
N ASN A 128 0.20 -3.15 5.80
CA ASN A 128 0.25 -4.52 5.32
C ASN A 128 1.27 -5.37 6.07
N LEU A 129 2.40 -4.75 6.42
CA LEU A 129 3.42 -5.44 7.18
C LEU A 129 2.86 -5.84 8.54
N PHE A 130 2.21 -4.90 9.21
CA PHE A 130 1.70 -5.15 10.55
C PHE A 130 0.52 -6.12 10.55
N LYS A 131 -0.26 -6.13 9.47
CA LYS A 131 -1.34 -7.10 9.37
C LYS A 131 -0.77 -8.52 9.28
N LYS A 132 0.32 -8.69 8.53
CA LYS A 132 0.98 -9.98 8.41
C LYS A 132 1.50 -10.48 9.76
N VAL A 133 2.07 -9.58 10.56
CA VAL A 133 2.52 -9.94 11.89
C VAL A 133 1.34 -10.46 12.72
N TYR A 134 0.19 -9.81 12.57
CA TYR A 134 -1.04 -10.21 13.25
C TYR A 134 -1.51 -11.59 12.78
N LEU A 135 -1.47 -11.82 11.48
CA LEU A 135 -1.89 -13.09 10.91
C LEU A 135 -0.94 -14.23 11.28
N LEU A 136 0.34 -13.90 11.47
CA LEU A 136 1.35 -14.92 11.78
C LEU A 136 1.33 -15.33 13.25
N LEU A 137 1.00 -14.39 14.13
CA LEU A 137 1.01 -14.66 15.57
C LEU A 137 -0.38 -15.01 16.08
N LYS A 138 -1.41 -14.59 15.36
CA LYS A 138 -2.78 -15.01 15.67
C LYS A 138 -3.18 -14.72 17.11
N THR A 139 -2.96 -13.48 17.54
CA THR A 139 -3.34 -13.05 18.88
C THR A 139 -3.84 -11.62 18.79
N HIS A 140 -4.75 -11.23 19.67
CA HIS A 140 -5.34 -9.91 19.63
C HIS A 140 -4.61 -8.95 20.56
N GLN A 141 -3.65 -9.50 21.30
CA GLN A 141 -2.72 -8.70 22.08
C GLN A 141 -1.29 -8.96 21.56
N LEU A 142 -0.75 -7.98 20.84
CA LEU A 142 0.50 -8.16 20.13
C LEU A 142 1.61 -7.32 20.74
N SER A 143 2.68 -7.99 21.17
CA SER A 143 3.82 -7.30 21.73
C SER A 143 4.38 -6.30 20.72
N LEU A 144 4.66 -5.10 21.19
CA LEU A 144 5.22 -4.06 20.31
C LEU A 144 6.58 -4.49 19.76
N ASP A 145 7.31 -5.28 20.53
CA ASP A 145 8.63 -5.71 20.11
C ASP A 145 8.56 -6.64 18.89
N ALA A 146 7.40 -7.26 18.68
CA ALA A 146 7.20 -8.12 17.51
C ALA A 146 7.16 -7.27 16.24
N PHE A 147 6.52 -6.11 16.32
CA PHE A 147 6.51 -5.16 15.21
C PHE A 147 7.90 -4.56 15.01
N LEU A 148 8.64 -4.38 16.10
CA LEU A 148 10.01 -3.89 16.00
C LEU A 148 10.86 -4.88 15.21
N VAL A 149 10.71 -6.17 15.50
CA VAL A 149 11.44 -7.21 14.79
C VAL A 149 11.14 -7.14 13.29
N ALA A 150 9.87 -6.96 12.95
CA ALA A 150 9.47 -6.83 11.55
C ALA A 150 10.12 -5.63 10.87
N LEU A 151 10.24 -4.52 11.60
CA LEU A 151 10.81 -3.29 11.04
C LEU A 151 12.33 -3.35 10.94
N LYS A 152 12.96 -4.10 11.85
CA LYS A 152 14.40 -4.33 11.77
C LYS A 152 14.69 -5.22 10.59
N PHE A 153 13.86 -6.25 10.42
CA PHE A 153 13.93 -7.13 9.27
C PHE A 153 13.81 -6.34 7.96
N MET A 154 13.05 -5.24 8.00
CA MET A 154 12.89 -4.37 6.83
C MET A 154 13.94 -3.26 6.84
N GLN A 155 14.87 -3.35 7.80
CA GLN A 155 16.05 -2.50 7.81
C GLN A 155 15.72 -1.01 7.93
N VAL A 156 14.69 -0.70 8.70
CA VAL A 156 14.42 0.67 9.07
C VAL A 156 15.47 1.08 10.09
N GLU A 157 16.32 2.03 9.73
CA GLU A 157 17.49 2.36 10.52
C GLU A 157 17.12 3.08 11.82
N ASP A 158 17.79 2.69 12.90
CA ASP A 158 17.62 3.32 14.21
C ASP A 158 16.26 3.04 14.87
N VAL A 159 15.44 2.21 14.24
CA VAL A 159 14.09 1.95 14.74
C VAL A 159 14.12 1.37 16.16
N ASP A 160 13.23 1.87 17.01
CA ASP A 160 13.09 1.37 18.37
C ASP A 160 11.61 1.30 18.76
N ILE A 161 11.32 0.86 19.98
CA ILE A 161 9.95 0.70 20.44
C ILE A 161 9.14 1.99 20.33
N ASP A 162 9.77 3.12 20.65
CA ASP A 162 9.10 4.42 20.57
C ASP A 162 8.65 4.72 19.14
N GLU A 163 9.45 4.29 18.16
CA GLU A 163 9.12 4.51 16.76
C GLU A 163 7.93 3.64 16.34
N VAL A 164 7.88 2.42 16.84
CA VAL A 164 6.77 1.51 16.59
C VAL A 164 5.47 2.11 17.13
N GLN A 165 5.55 2.69 18.32
CA GLN A 165 4.39 3.34 18.93
C GLN A 165 3.91 4.51 18.07
N CYS A 166 4.85 5.31 17.59
CA CYS A 166 4.53 6.46 16.75
C CYS A 166 3.87 6.02 15.44
N ILE A 167 4.39 4.97 14.83
CA ILE A 167 3.82 4.45 13.60
C ILE A 167 2.42 3.91 13.86
N LEU A 168 2.28 3.12 14.92
CA LEU A 168 0.98 2.55 15.27
C LEU A 168 -0.04 3.63 15.61
N ALA A 169 0.40 4.70 16.29
CA ALA A 169 -0.49 5.79 16.66
C ALA A 169 -1.04 6.49 15.42
N ASN A 170 -0.20 6.63 14.40
CA ASN A 170 -0.61 7.20 13.13
C ASN A 170 -1.60 6.30 12.39
N LEU A 171 -1.34 5.00 12.41
CA LEU A 171 -2.22 4.04 11.76
C LEU A 171 -3.58 3.94 12.46
N ILE A 172 -3.57 4.02 13.79
CA ILE A 172 -4.81 4.00 14.55
C ILE A 172 -5.59 5.29 14.26
N TYR A 173 -4.91 6.42 14.33
CA TYR A 173 -5.52 7.71 14.09
C TYR A 173 -6.17 7.78 12.71
N MET A 174 -5.50 7.20 11.71
CA MET A 174 -6.00 7.27 10.34
C MET A 174 -7.06 6.20 10.04
N GLY A 175 -7.21 5.23 10.94
CA GLY A 175 -8.26 4.22 10.80
C GLY A 175 -7.78 2.93 10.17
N HIS A 176 -6.48 2.80 9.93
CA HIS A 176 -5.95 1.59 9.32
C HIS A 176 -5.94 0.42 10.30
N VAL A 177 -5.80 0.74 11.58
CA VAL A 177 -5.73 -0.27 12.63
C VAL A 177 -6.76 0.03 13.70
N LYS A 178 -7.61 -0.93 14.00
CA LYS A 178 -8.61 -0.77 15.07
C LYS A 178 -8.08 -1.38 16.36
N GLY A 179 -7.57 -0.52 17.24
CA GLY A 179 -7.01 -0.98 18.49
C GLY A 179 -6.35 0.15 19.25
N TYR A 180 -5.71 -0.17 20.37
CA TYR A 180 -5.03 0.81 21.19
C TYR A 180 -3.82 0.17 21.82
N ILE A 181 -2.84 0.98 22.20
CA ILE A 181 -1.64 0.50 22.85
C ILE A 181 -1.81 0.48 24.36
N SER A 182 -1.56 -0.67 24.98
CA SER A 182 -1.51 -0.78 26.43
C SER A 182 -0.05 -0.74 26.86
N HIS A 183 0.34 0.35 27.51
CA HIS A 183 1.74 0.57 27.84
C HIS A 183 2.24 -0.31 28.99
N GLN A 184 1.34 -0.71 29.88
CA GLN A 184 1.74 -1.57 30.99
C GLN A 184 2.39 -2.85 30.50
N HIS A 185 1.82 -3.44 29.45
CA HIS A 185 2.32 -4.71 28.92
C HIS A 185 3.00 -4.53 27.57
N GLN A 186 3.16 -3.29 27.12
CA GLN A 186 3.74 -3.02 25.81
C GLN A 186 3.09 -3.89 24.74
N LYS A 187 1.77 -3.91 24.72
CA LYS A 187 1.01 -4.68 23.74
C LYS A 187 0.17 -3.73 22.88
N LEU A 188 -0.07 -4.14 21.63
CA LEU A 188 -1.10 -3.52 20.83
C LEU A 188 -2.33 -4.39 20.99
N VAL A 189 -3.38 -3.82 21.55
CA VAL A 189 -4.64 -4.53 21.73
C VAL A 189 -5.54 -4.18 20.55
N VAL A 190 -5.86 -5.17 19.72
CA VAL A 190 -6.68 -4.93 18.55
C VAL A 190 -8.07 -5.54 18.68
N SER A 191 -9.01 -4.97 17.93
CA SER A 191 -10.38 -5.46 17.89
C SER A 191 -10.46 -6.94 17.52
N LYS A 192 -11.43 -7.64 18.07
CA LYS A 192 -11.66 -9.05 17.76
C LYS A 192 -12.44 -9.17 16.45
N GLN A 193 -13.02 -8.06 16.01
CA GLN A 193 -13.69 -8.01 14.71
C GLN A 193 -12.86 -7.28 13.68
N ASN A 194 -12.04 -8.01 12.92
CA ASN A 194 -11.38 -7.44 11.76
C ASN A 194 -10.68 -6.12 12.05
N PRO A 195 -9.51 -6.19 12.72
CA PRO A 195 -8.81 -4.97 13.12
C PRO A 195 -8.12 -4.22 11.98
N PHE A 196 -8.04 -4.82 10.78
CA PHE A 196 -7.45 -4.17 9.62
C PHE A 196 -8.46 -4.00 8.48
N PRO A 197 -9.24 -2.91 8.51
CA PRO A 197 -10.29 -2.70 7.50
C PRO A 197 -9.73 -2.64 6.08
N PRO A 198 -10.56 -2.99 5.09
CA PRO A 198 -10.14 -2.84 3.69
C PRO A 198 -9.72 -1.39 3.44
N LEU A 199 -8.70 -1.20 2.61
CA LEU A 199 -8.13 0.12 2.40
C LEU A 199 -9.13 1.08 1.76
N SER A 200 -10.08 0.55 0.99
CA SER A 200 -11.09 1.39 0.35
C SER A 200 -12.11 1.94 1.35
N THR A 201 -12.11 1.43 2.57
CA THR A 201 -13.06 1.88 3.59
C THR A 201 -12.42 2.82 4.60
N VAL A 202 -11.10 2.98 4.54
CA VAL A 202 -10.38 3.84 5.47
C VAL A 202 -10.41 5.29 5.01
N CYS A 203 -10.51 5.48 3.70
CA CYS A 203 -10.59 6.82 3.12
C CYS A 203 -11.63 7.66 3.85
N VAL B 38 -8.08 -7.13 -14.34
CA VAL B 38 -7.34 -5.88 -14.45
C VAL B 38 -6.87 -5.39 -13.08
N TRP B 39 -7.78 -5.41 -12.11
CA TRP B 39 -7.48 -4.97 -10.74
C TRP B 39 -7.72 -6.12 -9.75
N GLU B 40 -6.83 -6.26 -8.77
CA GLU B 40 -6.92 -7.32 -7.77
C GLU B 40 -7.15 -6.77 -6.37
N ASP B 41 -8.07 -7.40 -5.64
CA ASP B 41 -8.25 -7.11 -4.23
C ASP B 41 -7.87 -8.32 -3.37
N ASN B 42 -7.78 -9.50 -4.01
CA ASN B 42 -7.60 -10.76 -3.28
C ASN B 42 -6.25 -10.86 -2.60
N TRP B 43 -5.31 -10.00 -2.97
CA TRP B 43 -4.02 -9.93 -2.30
C TRP B 43 -4.20 -9.68 -0.81
N ASP B 44 -5.32 -9.05 -0.45
CA ASP B 44 -5.54 -8.66 0.94
C ASP B 44 -6.53 -9.57 1.66
N ASP B 45 -6.45 -10.87 1.40
CA ASP B 45 -7.18 -11.84 2.21
C ASP B 45 -6.36 -12.09 3.47
N ASP B 46 -6.68 -13.15 4.19
CA ASP B 46 -5.97 -13.46 5.43
C ASP B 46 -5.02 -14.64 5.24
N ASN B 47 -4.53 -14.82 4.02
CA ASN B 47 -3.60 -15.89 3.71
C ASN B 47 -2.15 -15.43 3.82
N VAL B 48 -1.32 -16.27 4.42
CA VAL B 48 0.09 -15.97 4.62
C VAL B 48 0.96 -17.10 4.07
N GLU B 49 0.62 -17.58 2.88
CA GLU B 49 1.32 -18.71 2.29
C GLU B 49 2.46 -18.29 1.36
N ASP B 50 2.63 -16.98 1.14
CA ASP B 50 3.61 -16.49 0.18
C ASP B 50 5.02 -16.48 0.75
N ASP B 51 6.00 -16.21 -0.11
CA ASP B 51 7.41 -16.25 0.26
C ASP B 51 7.77 -15.23 1.34
N PHE B 52 7.34 -13.98 1.14
CA PHE B 52 7.66 -12.93 2.09
C PHE B 52 7.10 -13.27 3.48
N SER B 53 5.88 -13.78 3.51
CA SER B 53 5.25 -14.17 4.77
C SER B 53 6.07 -15.22 5.48
N ASN B 54 6.55 -16.20 4.72
CA ASN B 54 7.40 -17.25 5.28
C ASN B 54 8.71 -16.71 5.85
N GLN B 55 9.32 -15.77 5.14
CA GLN B 55 10.57 -15.16 5.61
C GLN B 55 10.35 -14.38 6.90
N LEU B 56 9.25 -13.64 6.97
CA LEU B 56 8.90 -12.90 8.17
C LEU B 56 8.57 -13.87 9.31
N ARG B 57 7.94 -14.99 8.98
CA ARG B 57 7.62 -15.99 10.00
C ARG B 57 8.91 -16.55 10.63
N ALA B 58 9.90 -16.82 9.79
CA ALA B 58 11.19 -17.31 10.28
C ALA B 58 11.88 -16.28 11.17
N GLU B 59 11.85 -15.02 10.74
CA GLU B 59 12.48 -13.95 11.49
C GLU B 59 11.84 -13.79 12.87
N LEU B 60 10.51 -13.84 12.91
CA LEU B 60 9.78 -13.72 14.17
C LEU B 60 10.14 -14.86 15.12
N GLU B 61 10.05 -16.09 14.62
CA GLU B 61 10.38 -17.26 15.42
C GLU B 61 11.81 -17.17 15.93
N LYS B 62 12.69 -16.63 15.09
CA LYS B 62 14.09 -16.46 15.42
C LYS B 62 14.29 -15.58 16.65
N HIS B 63 13.29 -14.74 16.93
CA HIS B 63 13.37 -13.82 18.07
C HIS B 63 12.46 -14.24 19.23
N GLY B 64 11.75 -15.35 19.07
CA GLY B 64 10.93 -15.87 20.15
C GLY B 64 9.43 -15.80 19.93
N TYR B 65 9.01 -15.36 18.74
CA TYR B 65 7.59 -15.20 18.44
C TYR B 65 7.06 -16.28 17.49
N LYS B 66 6.21 -17.14 18.03
CA LYS B 66 5.47 -18.12 17.24
C LYS B 66 3.99 -18.03 17.62
N MET B 67 3.12 -18.46 16.72
CA MET B 67 1.68 -18.46 17.00
C MET B 67 1.35 -19.49 18.08
#